data_8A15
#
_entry.id   8A15
#
_cell.length_a   49.333
_cell.length_b   60.535
_cell.length_c   81.753
_cell.angle_alpha   90.000
_cell.angle_beta   90.000
_cell.angle_gamma   90.000
#
_symmetry.space_group_name_H-M   'P 21 21 21'
#
loop_
_entity.id
_entity.type
_entity.pdbx_description
1 polymer 'Serine protease subunit NS2B'
2 polymer 'Serine protease NS3'
3 non-polymer 1-[(8~{R},15~{S},18~{S})-15-(4-azanylbutyl)-18-(naphthalen-2-ylmethyl)-4,7,14,17,20-pentakis(oxidanylidene)-3,6,13,16,19-pentazabicyclo[20.3.1]hexacosa-1(25),22(26),23-trien-8-yl]guanidine
4 water water
#
loop_
_entity_poly.entity_id
_entity_poly.type
_entity_poly.pdbx_seq_one_letter_code
_entity_poly.pdbx_strand_id
1 'polypeptide(L)' MTGKSVDMYIERAGDITWEKDAEVTGNSPRLDVALDESGDFSLVEEDGPPMRE A
2 'polypeptide(L)'
;GSGALWDVPAPKEVKKGETTDGVYRVMTRRLLGSTQVGVGVMQEGVFHTMWHVTKGAALRSGEGRLDPYWGDVKQDLVSY
CGPWKLDAAWDGLSEVQLLAVPPGERAKNIQTLPGIFKTKDGDIGAVALDYPAGTSGSPILDKCGRVIGLYGNGVVIKNG
SYVSAITQGKREEETPVE
;
B
#
# COMPACT_ATOMS: atom_id res chain seq x y z
N VAL A 6 9.09 10.00 19.91
CA VAL A 6 9.30 8.89 18.99
C VAL A 6 9.80 9.41 17.64
N ASP A 7 11.00 9.00 17.25
CA ASP A 7 11.57 9.37 15.95
C ASP A 7 11.01 8.43 14.90
N MET A 8 10.05 8.92 14.11
CA MET A 8 9.58 8.21 12.92
C MET A 8 10.29 8.79 11.71
N TYR A 9 10.87 7.91 10.90
CA TYR A 9 11.74 8.35 9.81
C TYR A 9 11.58 7.39 8.64
N ILE A 10 12.00 7.85 7.47
CA ILE A 10 11.91 7.03 6.27
C ILE A 10 13.30 6.75 5.73
N GLU A 11 13.43 5.63 5.05
CA GLU A 11 14.68 5.28 4.39
C GLU A 11 14.38 4.59 3.08
N ARG A 12 15.12 4.97 2.04
CA ARG A 12 14.83 4.44 0.72
C ARG A 12 15.06 2.94 0.70
N ALA A 13 14.18 2.22 -0.01
CA ALA A 13 14.26 0.79 -0.09
C ALA A 13 14.32 0.26 -1.51
N GLY A 14 14.13 1.09 -2.52
CA GLY A 14 14.21 0.58 -3.86
C GLY A 14 13.56 1.50 -4.87
N ASP A 15 13.74 1.10 -6.12
CA ASP A 15 13.08 1.71 -7.26
C ASP A 15 11.76 1.02 -7.50
N ILE A 16 10.80 1.76 -8.02
CA ILE A 16 9.47 1.23 -8.28
C ILE A 16 9.45 0.77 -9.74
N THR A 17 9.64 -0.51 -9.94
N THR A 17 9.58 -0.54 -9.95
CA THR A 17 9.64 -1.07 -11.27
CA THR A 17 9.83 -1.13 -11.27
C THR A 17 8.86 -2.37 -11.25
C THR A 17 9.16 -2.50 -11.37
N TRP A 18 8.35 -2.70 -12.42
CA TRP A 18 7.76 -4.01 -12.68
C TRP A 18 8.86 -5.01 -13.02
N GLU A 19 8.75 -6.21 -12.46
CA GLU A 19 9.72 -7.27 -12.72
C GLU A 19 9.23 -8.16 -13.85
N LYS A 20 10.02 -8.29 -14.92
CA LYS A 20 9.67 -9.19 -16.00
C LYS A 20 9.85 -10.64 -15.54
N ASP A 21 9.04 -11.53 -16.12
CA ASP A 21 9.16 -12.96 -15.87
C ASP A 21 9.04 -13.29 -14.38
N ALA A 22 8.08 -12.66 -13.71
N ALA A 22 8.02 -12.74 -13.75
CA ALA A 22 8.06 -12.65 -12.25
CA ALA A 22 7.55 -13.22 -12.46
C ALA A 22 7.30 -13.85 -11.69
C ALA A 22 6.42 -14.21 -12.70
N GLU A 23 7.47 -14.08 -10.38
N GLU A 23 6.37 -15.25 -11.87
CA GLU A 23 6.77 -15.15 -9.70
CA GLU A 23 5.31 -16.24 -11.94
C GLU A 23 5.31 -14.76 -9.51
C GLU A 23 4.16 -15.82 -11.01
N VAL A 24 4.40 -15.53 -10.14
N VAL A 24 2.94 -15.99 -11.49
CA VAL A 24 2.96 -15.35 -10.04
CA VAL A 24 1.77 -15.61 -10.71
C VAL A 24 2.40 -16.31 -9.02
C VAL A 24 1.66 -16.51 -9.48
N THR A 25 1.34 -15.91 -8.34
CA THR A 25 0.93 -16.64 -7.14
C THR A 25 -0.28 -15.99 -6.49
N GLY A 26 -0.88 -16.73 -5.55
CA GLY A 26 -2.08 -16.32 -4.85
C GLY A 26 -3.33 -16.57 -5.67
N ASN A 27 -4.45 -16.66 -4.96
CA ASN A 27 -5.73 -16.88 -5.64
C ASN A 27 -6.39 -15.52 -5.90
N SER A 28 -7.65 -15.54 -6.31
CA SER A 28 -8.39 -14.35 -6.74
C SER A 28 -9.75 -14.37 -6.09
N PRO A 29 -9.82 -14.16 -4.79
CA PRO A 29 -11.08 -14.40 -4.09
C PRO A 29 -12.11 -13.34 -4.38
N ARG A 30 -13.36 -13.78 -4.43
CA ARG A 30 -14.51 -12.93 -4.68
C ARG A 30 -15.27 -12.84 -3.36
N LEU A 31 -15.10 -11.72 -2.65
CA LEU A 31 -15.56 -11.57 -1.28
C LEU A 31 -16.56 -10.45 -1.17
N ASP A 32 -17.61 -10.68 -0.38
CA ASP A 32 -18.57 -9.64 -0.05
C ASP A 32 -18.10 -8.93 1.22
N VAL A 33 -17.89 -7.63 1.11
CA VAL A 33 -17.17 -6.87 2.12
C VAL A 33 -17.93 -5.59 2.45
N ALA A 34 -17.76 -5.13 3.69
CA ALA A 34 -18.26 -3.84 4.15
C ALA A 34 -17.09 -3.04 4.70
N LEU A 35 -17.20 -1.72 4.62
CA LEU A 35 -16.19 -0.78 5.06
C LEU A 35 -16.85 0.21 6.01
N ASP A 36 -16.35 0.31 7.24
CA ASP A 36 -16.94 1.21 8.22
C ASP A 36 -16.24 2.57 8.18
N GLU A 37 -16.77 3.51 8.97
CA GLU A 37 -16.28 4.88 8.95
C GLU A 37 -14.90 5.01 9.60
N SER A 38 -14.45 3.99 10.29
N SER A 38 -14.44 3.98 10.31
CA SER A 38 -13.11 3.96 10.85
CA SER A 38 -13.08 3.98 10.84
C SER A 38 -12.08 3.36 9.90
C SER A 38 -12.07 3.36 9.89
N GLY A 39 -12.48 2.99 8.68
CA GLY A 39 -11.56 2.41 7.72
C GLY A 39 -11.32 0.94 7.89
N ASP A 40 -12.22 0.23 8.56
CA ASP A 40 -12.07 -1.19 8.79
C ASP A 40 -13.00 -1.98 7.86
N PHE A 41 -12.41 -2.94 7.14
CA PHE A 41 -13.16 -3.86 6.30
C PHE A 41 -13.59 -5.07 7.11
N SER A 42 -14.79 -5.56 6.81
CA SER A 42 -15.32 -6.78 7.40
C SER A 42 -15.96 -7.61 6.30
N LEU A 43 -16.16 -8.89 6.60
CA LEU A 43 -16.80 -9.81 5.67
C LEU A 43 -18.28 -9.84 5.98
N VAL A 44 -19.10 -9.69 4.95
CA VAL A 44 -20.55 -9.73 5.13
C VAL A 44 -20.96 -11.19 5.24
N GLU A 45 -21.66 -11.52 6.32
CA GLU A 45 -22.10 -12.89 6.57
C GLU A 45 -23.62 -12.99 6.42
N THR B 19 13.48 13.64 -0.80
CA THR B 19 12.22 13.26 -1.42
C THR B 19 12.39 12.69 -2.82
N THR B 20 13.49 11.97 -3.07
N THR B 20 13.49 11.97 -3.07
CA THR B 20 13.68 11.35 -4.37
CA THR B 20 13.67 11.35 -4.38
C THR B 20 12.68 10.23 -4.58
C THR B 20 12.64 10.24 -4.58
N ASP B 21 12.18 10.11 -5.82
CA ASP B 21 11.19 9.09 -6.15
C ASP B 21 11.69 7.72 -5.72
N GLY B 22 10.78 6.90 -5.22
CA GLY B 22 11.11 5.53 -4.90
C GLY B 22 10.17 5.01 -3.82
N VAL B 23 10.43 3.77 -3.42
CA VAL B 23 9.73 3.14 -2.30
C VAL B 23 10.62 3.22 -1.07
N TYR B 24 10.01 3.47 0.09
CA TYR B 24 10.71 3.74 1.33
C TYR B 24 10.13 2.91 2.47
N ARG B 25 10.99 2.50 3.39
CA ARG B 25 10.54 1.98 4.67
C ARG B 25 10.18 3.13 5.60
N VAL B 26 9.15 2.92 6.42
CA VAL B 26 8.78 3.83 7.51
C VAL B 26 9.17 3.15 8.81
N MET B 27 10.07 3.80 9.54
CA MET B 27 10.73 3.22 10.70
C MET B 27 10.43 4.07 11.93
N THR B 28 10.46 3.42 13.10
CA THR B 28 10.46 4.13 14.38
C THR B 28 11.66 3.70 15.19
N ARG B 29 12.27 4.67 15.87
CA ARG B 29 13.44 4.43 16.69
C ARG B 29 13.01 4.75 18.11
N SER B 34 15.66 0.02 15.77
N SER B 34 15.49 -0.11 16.23
CA SER B 34 14.49 0.55 15.04
CA SER B 34 14.42 0.43 15.38
C SER B 34 13.54 -0.58 14.67
C SER B 34 13.40 -0.64 15.04
N THR B 35 12.27 -0.22 14.47
CA THR B 35 11.22 -1.13 14.05
C THR B 35 10.62 -0.57 12.77
N GLN B 36 10.36 -1.45 11.80
CA GLN B 36 9.68 -1.04 10.57
C GLN B 36 8.18 -1.15 10.80
N VAL B 37 7.49 -0.01 10.73
CA VAL B 37 6.04 0.02 10.90
C VAL B 37 5.30 0.10 9.59
N GLY B 38 5.97 0.45 8.49
CA GLY B 38 5.30 0.46 7.21
C GLY B 38 6.26 0.81 6.10
N VAL B 39 5.66 1.24 4.99
CA VAL B 39 6.29 1.46 3.69
C VAL B 39 5.51 2.58 3.05
N GLY B 40 6.13 3.30 2.13
CA GLY B 40 5.37 4.24 1.32
C GLY B 40 6.09 4.60 0.04
N VAL B 41 5.43 5.45 -0.75
CA VAL B 41 5.87 5.81 -2.09
C VAL B 41 6.12 7.30 -2.15
N MET B 42 7.30 7.68 -2.64
CA MET B 42 7.60 9.06 -2.96
C MET B 42 7.40 9.23 -4.46
N GLN B 43 6.51 10.14 -4.85
CA GLN B 43 6.26 10.45 -6.25
C GLN B 43 5.89 11.91 -6.34
N GLU B 44 6.51 12.64 -7.28
CA GLU B 44 6.19 14.04 -7.53
C GLU B 44 6.30 14.86 -6.25
N GLY B 45 7.30 14.54 -5.42
CA GLY B 45 7.58 15.32 -4.23
C GLY B 45 6.67 15.06 -3.06
N VAL B 46 5.78 14.06 -3.16
CA VAL B 46 4.79 13.75 -2.13
C VAL B 46 5.05 12.34 -1.64
N PHE B 47 4.98 12.14 -0.32
CA PHE B 47 5.11 10.82 0.26
C PHE B 47 3.73 10.27 0.58
N HIS B 48 3.48 9.03 0.16
CA HIS B 48 2.18 8.39 0.24
C HIS B 48 2.30 7.12 1.08
N THR B 49 1.44 6.98 2.09
CA THR B 49 1.42 5.75 2.87
C THR B 49 0.01 5.52 3.38
N MET B 50 -0.16 4.41 4.11
N MET B 50 -0.18 4.43 4.13
CA MET B 50 -1.41 4.14 4.81
CA MET B 50 -1.49 4.19 4.72
C MET B 50 -1.48 5.02 6.05
C MET B 50 -1.57 4.90 6.07
N TRP B 51 -2.70 5.48 6.37
N TRP B 51 -2.72 5.50 6.35
CA TRP B 51 -2.85 6.30 7.55
CA TRP B 51 -2.91 6.29 7.57
C TRP B 51 -2.48 5.53 8.83
C TRP B 51 -2.48 5.53 8.82
N HIS B 52 -2.81 4.23 8.90
CA HIS B 52 -2.53 3.50 10.12
C HIS B 52 -1.04 3.33 10.37
N VAL B 53 -0.20 3.54 9.37
CA VAL B 53 1.25 3.43 9.56
C VAL B 53 1.78 4.57 10.42
N THR B 54 1.36 5.80 10.15
CA THR B 54 1.93 6.97 10.81
C THR B 54 0.95 7.73 11.69
N LYS B 55 -0.35 7.57 11.47
CA LYS B 55 -1.38 8.38 12.11
C LYS B 55 -1.11 9.87 11.95
N GLY B 56 -0.46 10.25 10.85
CA GLY B 56 -0.19 11.64 10.56
C GLY B 56 1.02 12.23 11.24
N ALA B 57 1.80 11.43 11.97
CA ALA B 57 2.98 11.97 12.62
C ALA B 57 3.99 12.45 11.58
N ALA B 58 4.74 13.48 11.95
CA ALA B 58 5.78 13.99 11.06
C ALA B 58 6.84 12.92 10.83
N LEU B 59 7.45 12.97 9.65
CA LEU B 59 8.45 12.00 9.24
C LEU B 59 9.79 12.69 9.01
N ARG B 60 10.84 12.15 9.60
CA ARG B 60 12.19 12.59 9.27
C ARG B 60 12.64 11.90 7.99
N SER B 61 13.26 12.68 7.09
CA SER B 61 13.85 12.13 5.87
C SER B 61 15.25 12.74 5.77
N GLY B 62 16.25 11.94 6.10
CA GLY B 62 17.60 12.47 6.21
C GLY B 62 17.62 13.53 7.29
N GLU B 63 17.99 14.75 6.91
CA GLU B 63 18.04 15.87 7.83
C GLU B 63 16.79 16.74 7.80
N GLY B 64 15.78 16.35 7.02
CA GLY B 64 14.58 17.16 6.85
C GLY B 64 13.38 16.53 7.51
N ARG B 65 12.30 17.32 7.56
N ARG B 65 12.27 17.30 7.50
CA ARG B 65 11.02 16.89 8.11
CA ARG B 65 11.01 16.92 8.15
C ARG B 65 9.98 16.95 7.02
C ARG B 65 9.87 17.04 7.16
N LEU B 66 9.12 15.95 6.99
CA LEU B 66 7.96 15.92 6.11
C LEU B 66 6.70 16.00 6.97
N ASP B 67 5.81 16.93 6.61
CA ASP B 67 4.57 17.13 7.36
C ASP B 67 3.37 16.57 6.60
N PRO B 68 2.37 16.05 7.32
CA PRO B 68 1.17 15.57 6.63
C PRO B 68 0.44 16.72 5.96
N TYR B 69 -0.12 16.43 4.80
CA TYR B 69 -0.85 17.41 4.02
C TYR B 69 -2.32 17.07 3.88
N TRP B 70 -2.62 15.81 3.60
CA TRP B 70 -3.98 15.32 3.39
C TRP B 70 -4.04 13.92 3.96
N GLY B 71 -5.21 13.55 4.47
CA GLY B 71 -5.40 12.16 4.84
C GLY B 71 -6.87 11.89 5.01
N ASP B 72 -7.19 10.61 5.15
CA ASP B 72 -8.57 10.20 5.32
C ASP B 72 -8.58 8.87 6.05
N VAL B 73 -9.17 8.85 7.24
CA VAL B 73 -9.21 7.65 8.06
C VAL B 73 -9.99 6.53 7.36
N LYS B 74 -11.14 6.85 6.76
CA LYS B 74 -11.96 5.79 6.17
C LYS B 74 -11.23 5.10 5.01
N GLN B 75 -10.55 5.89 4.18
N GLN B 75 -10.55 5.88 4.16
CA GLN B 75 -9.74 5.33 3.10
CA GLN B 75 -9.76 5.29 3.09
C GLN B 75 -8.46 4.71 3.63
C GLN B 75 -8.41 4.79 3.59
N ASP B 76 -8.06 5.09 4.83
CA ASP B 76 -6.81 4.65 5.44
C ASP B 76 -5.60 5.11 4.63
N LEU B 77 -5.59 6.40 4.25
CA LEU B 77 -4.51 6.96 3.44
C LEU B 77 -4.05 8.30 4.00
N VAL B 78 -2.79 8.62 3.75
CA VAL B 78 -2.23 9.91 4.14
C VAL B 78 -1.13 10.28 3.14
N SER B 79 -1.03 11.58 2.86
CA SER B 79 0.04 12.10 2.03
C SER B 79 0.77 13.21 2.79
N TYR B 80 2.06 13.34 2.47
CA TYR B 80 2.96 14.30 3.07
C TYR B 80 3.53 15.20 1.99
N CYS B 81 3.65 16.49 2.31
CA CYS B 81 4.30 17.51 1.49
C CYS B 81 3.39 18.09 0.41
N GLY B 82 2.29 17.43 0.10
CA GLY B 82 1.39 17.90 -0.91
C GLY B 82 0.24 16.93 -1.08
N PRO B 83 -0.64 17.22 -2.03
CA PRO B 83 -1.81 16.37 -2.24
C PRO B 83 -1.45 15.03 -2.84
N TRP B 84 -2.35 14.06 -2.63
CA TRP B 84 -2.21 12.71 -3.15
C TRP B 84 -2.00 12.74 -4.67
N LYS B 85 -0.95 12.07 -5.15
CA LYS B 85 -0.56 12.12 -6.55
C LYS B 85 -0.85 10.85 -7.33
N LEU B 86 -1.06 9.73 -6.66
CA LEU B 86 -1.15 8.45 -7.35
C LEU B 86 -2.57 8.27 -7.89
N ASP B 87 -2.70 8.11 -9.19
CA ASP B 87 -4.02 8.02 -9.79
C ASP B 87 -4.21 6.85 -10.74
N ALA B 88 -3.19 6.03 -10.98
CA ALA B 88 -3.42 4.88 -11.85
C ALA B 88 -4.43 3.95 -11.20
N ALA B 89 -5.24 3.30 -12.03
CA ALA B 89 -6.29 2.41 -11.56
C ALA B 89 -6.07 1.00 -12.09
N TRP B 90 -6.34 0.01 -11.25
CA TRP B 90 -6.39 -1.36 -11.73
C TRP B 90 -7.43 -1.44 -12.85
N ASP B 91 -7.06 -2.10 -13.94
CA ASP B 91 -7.95 -2.19 -15.09
C ASP B 91 -9.03 -3.25 -14.91
N GLY B 92 -9.08 -3.94 -13.78
CA GLY B 92 -10.10 -4.92 -13.53
C GLY B 92 -9.88 -6.27 -14.21
N LEU B 93 -8.77 -6.44 -14.90
CA LEU B 93 -8.57 -7.58 -15.78
C LEU B 93 -7.18 -8.19 -15.64
N SER B 94 -6.17 -7.36 -15.50
CA SER B 94 -4.78 -7.79 -15.65
C SER B 94 -4.17 -8.18 -14.32
N GLU B 95 -3.13 -9.02 -14.41
CA GLU B 95 -2.29 -9.28 -13.26
C GLU B 95 -1.54 -8.02 -12.85
N VAL B 96 -1.21 -7.96 -11.56
CA VAL B 96 -0.55 -6.83 -10.94
C VAL B 96 0.67 -7.37 -10.18
N GLN B 97 1.50 -6.45 -9.67
CA GLN B 97 2.60 -6.85 -8.80
C GLN B 97 2.55 -6.08 -7.49
N LEU B 98 2.61 -6.80 -6.39
CA LEU B 98 2.92 -6.19 -5.10
C LEU B 98 4.43 -6.03 -5.04
N LEU B 99 4.89 -4.80 -4.82
N LEU B 99 4.91 -4.79 -4.86
CA LEU B 99 6.30 -4.52 -4.56
CA LEU B 99 6.32 -4.55 -4.57
C LEU B 99 6.48 -4.53 -3.04
C LEU B 99 6.40 -4.54 -3.05
N ALA B 100 6.50 -5.74 -2.49
CA ALA B 100 6.51 -5.91 -1.04
C ALA B 100 7.85 -5.48 -0.48
N VAL B 101 7.82 -4.71 0.61
CA VAL B 101 9.03 -4.32 1.31
C VAL B 101 8.87 -4.81 2.74
N PRO B 102 9.10 -6.10 3.02
CA PRO B 102 8.84 -6.61 4.36
C PRO B 102 9.91 -6.16 5.33
N PRO B 103 9.59 -6.05 6.61
CA PRO B 103 10.63 -5.74 7.61
C PRO B 103 11.81 -6.70 7.48
N GLY B 104 13.01 -6.13 7.46
CA GLY B 104 14.22 -6.92 7.45
C GLY B 104 14.51 -7.66 6.17
N GLU B 105 13.78 -7.39 5.08
CA GLU B 105 13.98 -8.08 3.82
C GLU B 105 14.02 -7.07 2.68
N ARG B 106 14.74 -7.42 1.62
CA ARG B 106 14.81 -6.58 0.45
C ARG B 106 13.48 -6.52 -0.27
N ALA B 107 13.24 -5.40 -0.98
CA ALA B 107 12.05 -5.28 -1.80
C ALA B 107 11.96 -6.43 -2.81
N LYS B 108 10.75 -6.96 -3.00
CA LYS B 108 10.56 -8.06 -3.94
C LYS B 108 9.21 -7.91 -4.61
N ASN B 109 9.14 -8.32 -5.88
CA ASN B 109 7.94 -8.22 -6.68
C ASN B 109 7.22 -9.55 -6.66
N ILE B 110 5.92 -9.51 -6.38
CA ILE B 110 5.07 -10.70 -6.37
C ILE B 110 3.91 -10.44 -7.32
N GLN B 111 3.80 -11.25 -8.37
CA GLN B 111 2.75 -11.08 -9.36
C GLN B 111 1.53 -11.90 -8.98
N THR B 112 0.34 -11.34 -9.19
CA THR B 112 -0.90 -12.02 -8.79
C THR B 112 -2.04 -11.47 -9.64
N LEU B 113 -3.09 -12.28 -9.78
CA LEU B 113 -4.34 -11.81 -10.36
C LEU B 113 -5.24 -11.41 -9.20
N PRO B 114 -5.59 -10.14 -9.05
CA PRO B 114 -6.45 -9.76 -7.92
C PRO B 114 -7.79 -10.46 -7.96
N GLY B 115 -8.34 -10.71 -6.76
CA GLY B 115 -9.75 -10.91 -6.57
C GLY B 115 -10.45 -9.57 -6.41
N ILE B 116 -11.65 -9.62 -5.81
CA ILE B 116 -12.54 -8.48 -5.74
C ILE B 116 -13.16 -8.41 -4.35
N PHE B 117 -13.09 -7.24 -3.72
CA PHE B 117 -13.98 -6.88 -2.62
C PHE B 117 -15.23 -6.28 -3.25
N LYS B 118 -16.36 -6.96 -3.11
CA LYS B 118 -17.64 -6.45 -3.62
C LYS B 118 -18.30 -5.71 -2.46
N THR B 119 -18.48 -4.40 -2.59
CA THR B 119 -19.07 -3.60 -1.52
C THR B 119 -20.31 -2.88 -2.06
N LYS B 120 -21.10 -2.34 -1.13
CA LYS B 120 -22.32 -1.62 -1.51
C LYS B 120 -22.00 -0.39 -2.35
N ASP B 121 -20.75 0.07 -2.32
CA ASP B 121 -20.33 1.26 -3.06
C ASP B 121 -19.49 0.91 -4.28
N GLY B 122 -19.42 -0.35 -4.65
CA GLY B 122 -18.66 -0.78 -5.82
C GLY B 122 -17.62 -1.82 -5.49
N ASP B 123 -16.99 -2.32 -6.56
CA ASP B 123 -15.96 -3.35 -6.44
C ASP B 123 -14.59 -2.71 -6.31
N ILE B 124 -13.73 -3.33 -5.50
CA ILE B 124 -12.34 -2.91 -5.31
C ILE B 124 -11.48 -4.14 -5.56
N GLY B 125 -10.46 -4.02 -6.40
CA GLY B 125 -9.51 -5.11 -6.51
C GLY B 125 -8.87 -5.42 -5.17
N ALA B 126 -8.48 -6.68 -5.00
CA ALA B 126 -7.94 -7.14 -3.73
C ALA B 126 -6.94 -8.26 -3.99
N VAL B 127 -5.80 -8.21 -3.29
CA VAL B 127 -4.74 -9.18 -3.49
C VAL B 127 -4.65 -10.13 -2.31
N ALA B 128 -4.62 -11.43 -2.62
CA ALA B 128 -4.55 -12.49 -1.63
C ALA B 128 -3.09 -12.83 -1.36
N LEU B 129 -2.42 -11.90 -0.70
CA LEU B 129 -0.99 -11.98 -0.37
C LEU B 129 -0.85 -11.54 1.07
N ASP B 130 -0.11 -12.30 1.86
CA ASP B 130 -0.06 -12.13 3.30
C ASP B 130 1.37 -11.85 3.73
N TYR B 131 1.59 -10.67 4.30
CA TYR B 131 2.90 -10.20 4.73
C TYR B 131 2.80 -9.60 6.11
N PRO B 132 3.93 -9.40 6.78
CA PRO B 132 3.89 -8.81 8.13
C PRO B 132 3.25 -7.43 8.14
N ALA B 133 2.76 -7.04 9.32
CA ALA B 133 2.10 -5.75 9.51
C ALA B 133 2.94 -4.59 8.99
N GLY B 134 4.26 -4.64 9.20
CA GLY B 134 5.12 -3.55 8.77
C GLY B 134 5.34 -3.46 7.29
N THR B 135 4.71 -4.32 6.49
CA THR B 135 4.71 -4.23 5.03
C THR B 135 3.63 -3.27 4.55
N SER B 136 2.74 -2.84 5.45
CA SER B 136 1.70 -1.88 5.14
C SER B 136 2.25 -0.68 4.41
N GLY B 137 1.56 -0.29 3.34
CA GLY B 137 1.97 0.81 2.49
C GLY B 137 2.77 0.42 1.27
N SER B 138 3.11 -0.86 1.14
CA SER B 138 3.86 -1.28 -0.03
C SER B 138 3.01 -1.06 -1.28
N PRO B 139 3.63 -0.60 -2.38
CA PRO B 139 2.84 -0.27 -3.56
C PRO B 139 2.50 -1.50 -4.39
N ILE B 140 1.34 -1.42 -5.03
CA ILE B 140 0.87 -2.40 -5.99
C ILE B 140 0.92 -1.73 -7.36
N LEU B 141 1.48 -2.44 -8.36
CA LEU B 141 1.86 -1.88 -9.64
C LEU B 141 1.11 -2.54 -10.79
N ASP B 142 0.84 -1.73 -11.81
CA ASP B 142 0.43 -2.28 -13.10
C ASP B 142 1.68 -2.58 -13.94
N LYS B 143 1.46 -3.11 -15.15
CA LYS B 143 2.58 -3.58 -15.96
C LYS B 143 3.45 -2.45 -16.49
N CYS B 144 2.96 -1.21 -16.43
CA CYS B 144 3.77 -0.04 -16.75
C CYS B 144 4.53 0.49 -15.55
N GLY B 145 4.45 -0.19 -14.41
CA GLY B 145 5.11 0.26 -13.20
C GLY B 145 4.41 1.37 -12.47
N ARG B 146 3.20 1.76 -12.89
CA ARG B 146 2.47 2.80 -12.17
C ARG B 146 1.85 2.21 -10.91
N VAL B 147 1.78 3.02 -9.86
CA VAL B 147 1.22 2.58 -8.58
C VAL B 147 -0.30 2.68 -8.64
N ILE B 148 -0.96 1.52 -8.67
CA ILE B 148 -2.42 1.46 -8.70
C ILE B 148 -3.04 1.43 -7.31
N GLY B 149 -2.24 1.34 -6.26
CA GLY B 149 -2.76 1.43 -4.91
C GLY B 149 -1.71 0.95 -3.93
N LEU B 150 -2.07 0.99 -2.65
CA LEU B 150 -1.19 0.58 -1.57
C LEU B 150 -1.80 -0.63 -0.86
N TYR B 151 -0.90 -1.51 -0.41
CA TYR B 151 -1.21 -2.75 0.31
C TYR B 151 -1.35 -2.51 1.80
N GLY B 152 -2.34 -3.17 2.40
CA GLY B 152 -2.36 -3.29 3.85
C GLY B 152 -3.64 -2.93 4.59
N ASN B 153 -4.74 -2.65 3.91
CA ASN B 153 -6.03 -2.58 4.59
C ASN B 153 -6.91 -3.67 3.99
N GLY B 154 -7.33 -4.62 4.81
CA GLY B 154 -7.93 -5.81 4.26
C GLY B 154 -8.74 -6.60 5.26
N VAL B 155 -8.89 -7.88 4.95
CA VAL B 155 -9.70 -8.80 5.74
C VAL B 155 -8.91 -10.08 6.00
N VAL B 156 -9.32 -10.77 7.05
CA VAL B 156 -8.84 -12.12 7.37
C VAL B 156 -9.96 -13.08 7.05
N ILE B 157 -9.67 -14.08 6.21
CA ILE B 157 -10.69 -15.04 5.79
C ILE B 157 -10.67 -16.27 6.70
N LYS B 158 -11.55 -17.23 6.45
CA LYS B 158 -11.81 -18.30 7.42
C LYS B 158 -10.57 -19.13 7.74
N ASN B 159 -9.68 -19.33 6.76
CA ASN B 159 -8.49 -20.14 7.02
C ASN B 159 -7.39 -19.36 7.71
N GLY B 160 -7.62 -18.09 8.05
CA GLY B 160 -6.64 -17.27 8.73
C GLY B 160 -5.78 -16.43 7.82
N SER B 161 -5.82 -16.66 6.52
CA SER B 161 -5.00 -15.87 5.60
C SER B 161 -5.64 -14.51 5.34
N TYR B 162 -4.88 -13.66 4.67
CA TYR B 162 -5.20 -12.25 4.52
C TYR B 162 -5.47 -11.91 3.06
N VAL B 163 -6.37 -10.97 2.86
CA VAL B 163 -6.61 -10.38 1.54
C VAL B 163 -6.63 -8.87 1.71
N SER B 164 -5.81 -8.17 0.94
CA SER B 164 -5.70 -6.73 1.03
C SER B 164 -6.47 -6.04 -0.09
N ALA B 165 -7.22 -4.99 0.23
CA ALA B 165 -7.69 -4.12 -0.84
C ALA B 165 -6.50 -3.54 -1.59
N ILE B 166 -6.72 -3.22 -2.86
CA ILE B 166 -5.82 -2.32 -3.60
C ILE B 166 -6.34 -0.91 -3.31
N THR B 167 -5.79 -0.24 -2.30
CA THR B 167 -6.35 1.03 -1.86
C THR B 167 -5.69 2.17 -2.64
N GLN B 168 -6.51 2.93 -3.37
CA GLN B 168 -6.03 4.06 -4.15
C GLN B 168 -6.74 5.34 -3.71
N GLY B 169 -6.00 6.44 -3.68
CA GLY B 169 -6.57 7.74 -3.38
C GLY B 169 -7.04 8.45 -4.64
N LYS B 170 -7.55 9.66 -4.44
CA LYS B 170 -8.02 10.52 -5.53
C LYS B 170 -7.01 11.63 -5.74
N ARG B 171 -6.62 11.86 -6.99
CA ARG B 171 -5.76 12.99 -7.32
C ARG B 171 -6.67 14.14 -7.71
N GLU B 172 -6.75 15.15 -6.85
CA GLU B 172 -7.66 16.29 -7.07
C GLU B 172 -7.11 17.20 -8.17
#